data_7U2R
#
_entry.id   7U2R
#
_cell.length_a   102.868
_cell.length_b   102.868
_cell.length_c   147.619
_cell.angle_alpha   90.000
_cell.angle_beta   90.000
_cell.angle_gamma   120.000
#
_symmetry.space_group_name_H-M   'P 61 2 2'
#
loop_
_entity.id
_entity.type
_entity.pdbx_description
1 polymer Apyc1
2 non-polymer 'ZINC ION'
3 water water
#
_entity_poly.entity_id   1
_entity_poly.type   'polypeptide(L)'
_entity_poly.pdbx_seq_one_letter_code
;SALRLQ(MSE)LGTGGAFAKKYFNNNALLYAGDFTLLIDCGITAPLALHTIGKSVEEIDAVLITHIHGDHVGGLEELAFR
RKFGSGRKPILYIAENLVEPLWENTLKGGLSQDGVIHSLNDVFDVRLLKESEPAQLAPELKVELIRTPHIPGKPSYSLYI
NDEIFYSAD(MSE)TFEPELL(MSE)RLVRERGCRRIFHEVQLTGKGEVHTTLQELLSLPTEIQSQILLKHYSDD(MSE)
ESFRGATGN(MSE)DFLRQHEVYTL
;
_entity_poly.pdbx_strand_id   A
#
loop_
_chem_comp.id
_chem_comp.type
_chem_comp.name
_chem_comp.formula
ZN non-polymer 'ZINC ION' 'Zn 2'
#
# COMPACT_ATOMS: atom_id res chain seq x y z
N ALA A 2 19.57 5.10 -3.65
CA ALA A 2 18.57 5.62 -2.71
C ALA A 2 17.17 5.14 -3.09
N LEU A 3 16.32 4.92 -2.09
CA LEU A 3 14.98 4.43 -2.33
C LEU A 3 14.12 5.53 -2.95
N ARG A 4 13.29 5.16 -3.94
CA ARG A 4 12.35 6.09 -4.54
C ARG A 4 10.93 5.55 -4.44
N LEU A 5 9.97 6.48 -4.35
CA LEU A 5 8.56 6.16 -4.20
C LEU A 5 7.76 6.93 -5.24
N GLN A 6 6.87 6.22 -5.93
CA GLN A 6 5.93 6.82 -6.89
C GLN A 6 4.56 6.21 -6.66
N MSE A 7 3.57 7.04 -6.31
CA MSE A 7 2.23 6.52 -6.08
C MSE A 7 1.58 6.31 -7.43
O MSE A 7 1.51 7.23 -8.23
CB MSE A 7 1.38 7.48 -5.23
CG MSE A 7 1.95 7.80 -3.86
SE MSE A 7 2.15 6.21 -2.71
CE MSE A 7 0.30 5.66 -2.49
N LEU A 8 1.08 5.08 -7.68
CA LEU A 8 0.23 4.87 -8.84
C LEU A 8 -1.07 5.62 -8.69
N GLY A 9 -1.59 5.66 -7.46
CA GLY A 9 -2.76 6.50 -7.18
C GLY A 9 -2.66 6.97 -5.74
N THR A 10 -3.35 8.07 -5.45
CA THR A 10 -3.36 8.62 -4.10
C THR A 10 -4.76 8.70 -3.50
N GLY A 11 -5.76 8.08 -4.14
CA GLY A 11 -7.14 8.31 -3.77
C GLY A 11 -7.70 7.29 -2.79
N GLY A 12 -8.75 7.68 -2.09
CA GLY A 12 -9.52 6.73 -1.30
C GLY A 12 -10.25 5.78 -2.24
N ALA A 13 -10.98 4.84 -1.65
CA ALA A 13 -11.54 3.72 -2.42
C ALA A 13 -12.47 4.18 -3.54
N PHE A 14 -13.18 5.30 -3.35
CA PHE A 14 -14.17 5.76 -4.32
C PHE A 14 -13.72 6.95 -5.15
N ALA A 15 -12.51 7.45 -4.94
CA ALA A 15 -12.11 8.67 -5.66
C ALA A 15 -12.00 8.38 -7.16
N LYS A 16 -12.28 9.40 -7.96
CA LYS A 16 -12.23 9.31 -9.43
C LYS A 16 -11.29 10.34 -10.04
N LYS A 17 -10.92 11.37 -9.29
CA LYS A 17 -9.84 12.22 -9.77
C LYS A 17 -8.48 11.58 -9.54
N TYR A 18 -8.39 10.62 -8.62
CA TYR A 18 -7.16 9.95 -8.23
C TYR A 18 -7.40 8.45 -8.34
N PHE A 19 -6.36 7.69 -8.71
CA PHE A 19 -6.47 6.23 -8.76
C PHE A 19 -6.39 5.64 -7.35
N ASN A 20 -6.61 4.32 -7.24
CA ASN A 20 -6.55 3.65 -5.95
C ASN A 20 -5.17 3.86 -5.31
N ASN A 21 -5.11 3.82 -3.99
CA ASN A 21 -3.90 4.20 -3.25
C ASN A 21 -2.90 3.04 -3.25
N ASN A 22 -2.06 3.00 -4.28
CA ASN A 22 -1.14 1.90 -4.49
C ASN A 22 0.21 2.53 -4.80
N ALA A 23 1.28 1.95 -4.28
CA ALA A 23 2.60 2.57 -4.29
C ALA A 23 3.59 1.74 -5.08
N LEU A 24 4.46 2.40 -5.84
CA LEU A 24 5.64 1.75 -6.40
C LEU A 24 6.86 2.20 -5.62
N LEU A 25 7.71 1.24 -5.18
CA LEU A 25 9.00 1.57 -4.58
C LEU A 25 10.11 1.07 -5.48
N TYR A 26 11.13 1.90 -5.70
CA TYR A 26 12.24 1.54 -6.57
C TYR A 26 13.51 1.52 -5.74
N ALA A 27 14.16 0.35 -5.68
CA ALA A 27 15.43 0.14 -4.99
C ALA A 27 16.38 -0.40 -6.05
N GLY A 28 17.13 0.48 -6.68
CA GLY A 28 17.93 0.02 -7.79
C GLY A 28 16.98 -0.50 -8.86
N ASP A 29 17.32 -1.67 -9.43
CA ASP A 29 16.49 -2.30 -10.47
C ASP A 29 15.25 -2.99 -9.92
N PHE A 30 15.15 -3.14 -8.60
CA PHE A 30 14.06 -3.89 -7.99
C PHE A 30 12.85 -2.97 -7.81
N THR A 31 11.68 -3.45 -8.24
CA THR A 31 10.43 -2.67 -8.20
C THR A 31 9.40 -3.42 -7.38
N LEU A 32 8.95 -2.80 -6.28
CA LEU A 32 7.91 -3.35 -5.42
C LEU A 32 6.62 -2.57 -5.64
N LEU A 33 5.52 -3.30 -5.85
CA LEU A 33 4.21 -2.70 -5.89
C LEU A 33 3.52 -2.95 -4.55
N ILE A 34 3.16 -1.88 -3.84
CA ILE A 34 2.42 -1.99 -2.58
C ILE A 34 0.95 -1.79 -2.89
N ASP A 35 0.21 -2.90 -2.87
CA ASP A 35 -1.20 -2.97 -3.20
C ASP A 35 -1.47 -2.79 -4.69
N CYS A 36 -2.60 -3.32 -5.13
CA CYS A 36 -2.86 -3.51 -6.55
C CYS A 36 -4.37 -3.53 -6.71
N GLY A 37 -4.98 -2.33 -6.64
CA GLY A 37 -6.43 -2.18 -6.72
C GLY A 37 -7.01 -2.29 -8.11
N ILE A 38 -8.33 -2.15 -8.17
CA ILE A 38 -9.05 -2.25 -9.43
C ILE A 38 -8.52 -1.23 -10.45
N THR A 39 -7.93 -0.09 -10.00
CA THR A 39 -7.36 0.86 -10.96
C THR A 39 -5.88 0.65 -11.23
N ALA A 40 -5.21 -0.29 -10.55
CA ALA A 40 -3.76 -0.37 -10.73
C ALA A 40 -3.39 -0.69 -12.18
N PRO A 41 -4.06 -1.61 -12.90
CA PRO A 41 -3.69 -1.78 -14.32
C PRO A 41 -3.78 -0.51 -15.14
N LEU A 42 -4.87 0.25 -15.00
CA LEU A 42 -4.97 1.48 -15.77
C LEU A 42 -3.91 2.49 -15.32
N ALA A 43 -3.63 2.54 -14.01
CA ALA A 43 -2.62 3.48 -13.55
C ALA A 43 -1.24 3.12 -14.09
N LEU A 44 -0.88 1.84 -14.08
CA LEU A 44 0.41 1.41 -14.65
C LEU A 44 0.52 1.82 -16.12
N HIS A 45 -0.55 1.57 -16.85
CA HIS A 45 -0.58 1.98 -18.26
C HIS A 45 -0.37 3.48 -18.38
N THR A 46 -1.07 4.25 -17.55
CA THR A 46 -0.97 5.72 -17.58
C THR A 46 0.45 6.23 -17.40
N ILE A 47 1.26 5.61 -16.54
CA ILE A 47 2.63 6.08 -16.36
C ILE A 47 3.62 5.31 -17.24
N GLY A 48 3.13 4.46 -18.14
CA GLY A 48 4.01 3.78 -19.08
C GLY A 48 4.82 2.65 -18.45
N LYS A 49 4.31 2.01 -17.41
CA LYS A 49 5.04 0.95 -16.72
C LYS A 49 4.47 -0.41 -17.15
N SER A 50 5.31 -1.26 -17.73
CA SER A 50 4.87 -2.61 -18.10
C SER A 50 4.66 -3.47 -16.85
N VAL A 51 3.68 -4.39 -16.88
CA VAL A 51 3.58 -5.34 -15.76
C VAL A 51 4.83 -6.21 -15.66
N GLU A 52 5.62 -6.32 -16.74
CA GLU A 52 6.84 -7.11 -16.65
C GLU A 52 7.89 -6.48 -15.75
N GLU A 53 7.78 -5.18 -15.48
CA GLU A 53 8.75 -4.53 -14.62
C GLU A 53 8.44 -4.71 -13.14
N ILE A 54 7.29 -5.25 -12.78
CA ILE A 54 6.96 -5.44 -11.36
C ILE A 54 7.70 -6.68 -10.85
N ASP A 55 8.61 -6.48 -9.91
CA ASP A 55 9.33 -7.65 -9.42
C ASP A 55 8.58 -8.36 -8.30
N ALA A 56 7.87 -7.59 -7.48
CA ALA A 56 7.16 -8.13 -6.32
C ALA A 56 5.96 -7.25 -6.03
N VAL A 57 4.94 -7.87 -5.43
CA VAL A 57 3.74 -7.19 -4.96
C VAL A 57 3.59 -7.49 -3.47
N LEU A 58 3.23 -6.49 -2.68
CA LEU A 58 2.98 -6.66 -1.25
C LEU A 58 1.56 -6.21 -0.97
N ILE A 59 0.80 -7.04 -0.25
CA ILE A 59 -0.62 -6.79 -0.01
C ILE A 59 -0.81 -6.49 1.47
N THR A 60 -1.38 -5.31 1.76
CA THR A 60 -1.57 -4.85 3.13
C THR A 60 -2.85 -5.34 3.77
N HIS A 61 -3.92 -5.54 2.99
CA HIS A 61 -5.21 -6.05 3.48
C HIS A 61 -6.10 -6.31 2.28
N ILE A 62 -7.28 -6.89 2.55
CA ILE A 62 -8.17 -7.37 1.49
C ILE A 62 -9.32 -6.39 1.32
N HIS A 63 -9.26 -5.59 0.25
CA HIS A 63 -10.29 -4.66 -0.18
C HIS A 63 -10.04 -4.44 -1.65
N GLY A 64 -11.10 -4.15 -2.40
CA GLY A 64 -10.95 -4.05 -3.83
C GLY A 64 -9.95 -3.01 -4.27
N ASP A 65 -9.84 -1.90 -3.52
CA ASP A 65 -8.88 -0.89 -3.96
C ASP A 65 -7.44 -1.26 -3.63
N HIS A 66 -7.22 -2.45 -3.05
CA HIS A 66 -5.89 -2.97 -2.79
C HIS A 66 -5.62 -4.34 -3.38
N VAL A 67 -6.64 -5.11 -3.79
CA VAL A 67 -6.31 -6.42 -4.38
C VAL A 67 -7.05 -6.65 -5.70
N GLY A 68 -7.94 -5.74 -6.06
CA GLY A 68 -8.83 -5.97 -7.18
C GLY A 68 -8.18 -5.97 -8.54
N GLY A 69 -6.92 -5.54 -8.65
CA GLY A 69 -6.18 -5.60 -9.90
C GLY A 69 -5.26 -6.81 -10.00
N LEU A 70 -5.21 -7.66 -8.98
CA LEU A 70 -4.28 -8.79 -8.97
C LEU A 70 -4.65 -9.83 -10.02
N GLU A 71 -5.94 -10.04 -10.29
CA GLU A 71 -6.32 -11.01 -11.31
C GLU A 71 -5.74 -10.62 -12.66
N GLU A 72 -5.88 -9.33 -13.04
CA GLU A 72 -5.33 -8.87 -14.31
C GLU A 72 -3.80 -8.97 -14.33
N LEU A 73 -3.13 -8.58 -13.24
CA LEU A 73 -1.68 -8.73 -13.17
C LEU A 73 -1.24 -10.19 -13.33
N ALA A 74 -1.90 -11.08 -12.60
CA ALA A 74 -1.56 -12.49 -12.63
C ALA A 74 -1.72 -13.06 -14.02
N PHE A 75 -2.87 -12.82 -14.67
CA PHE A 75 -3.12 -13.35 -16.02
C PHE A 75 -2.15 -12.76 -17.03
N ARG A 76 -1.89 -11.47 -16.93
CA ARG A 76 -1.00 -10.87 -17.94
C ARG A 76 0.42 -11.40 -17.81
N ARG A 77 0.88 -11.66 -16.59
CA ARG A 77 2.19 -12.25 -16.43
C ARG A 77 2.20 -13.69 -16.90
N LYS A 78 1.13 -14.45 -16.59
CA LYS A 78 1.03 -15.82 -17.08
C LYS A 78 1.10 -15.89 -18.60
N PHE A 79 0.40 -14.98 -19.29
CA PHE A 79 0.36 -15.02 -20.75
C PHE A 79 1.52 -14.30 -21.40
N GLY A 80 2.28 -13.52 -20.63
CA GLY A 80 3.43 -12.80 -21.13
C GLY A 80 4.68 -13.64 -20.96
N SER A 81 5.62 -13.16 -20.14
CA SER A 81 6.85 -13.90 -19.91
C SER A 81 6.65 -15.16 -19.07
N GLY A 82 5.50 -15.31 -18.41
CA GLY A 82 5.29 -16.47 -17.57
C GLY A 82 5.92 -16.39 -16.21
N ARG A 83 6.73 -15.37 -15.94
CA ARG A 83 7.38 -15.19 -14.65
C ARG A 83 6.35 -14.82 -13.60
N LYS A 84 6.23 -15.64 -12.55
CA LYS A 84 5.27 -15.28 -11.51
C LYS A 84 5.82 -14.14 -10.67
N PRO A 85 5.07 -13.07 -10.49
CA PRO A 85 5.50 -12.02 -9.55
C PRO A 85 5.64 -12.61 -8.14
N ILE A 86 6.65 -12.14 -7.41
CA ILE A 86 6.71 -12.44 -5.98
C ILE A 86 5.58 -11.72 -5.29
N LEU A 87 4.90 -12.43 -4.38
CA LEU A 87 3.81 -11.86 -3.59
C LEU A 87 4.22 -11.93 -2.13
N TYR A 88 4.40 -10.78 -1.50
CA TYR A 88 4.67 -10.71 -0.07
C TYR A 88 3.36 -10.47 0.66
N ILE A 89 3.06 -11.31 1.64
CA ILE A 89 1.77 -11.19 2.32
C ILE A 89 1.85 -11.92 3.66
N ALA A 90 1.10 -11.43 4.62
CA ALA A 90 1.02 -12.12 5.91
C ALA A 90 0.37 -13.49 5.77
N GLU A 91 0.80 -14.44 6.60
CA GLU A 91 0.21 -15.75 6.50
C GLU A 91 -1.29 -15.72 6.75
N ASN A 92 -1.76 -14.90 7.68
CA ASN A 92 -3.20 -14.96 7.93
C ASN A 92 -4.03 -14.22 6.87
N LEU A 93 -3.41 -13.71 5.80
CA LEU A 93 -4.18 -13.20 4.66
C LEU A 93 -4.12 -14.10 3.44
N VAL A 94 -3.27 -15.14 3.44
CA VAL A 94 -3.11 -15.98 2.26
C VAL A 94 -4.42 -16.66 1.90
N GLU A 95 -5.09 -17.28 2.89
CA GLU A 95 -6.26 -18.06 2.54
C GLU A 95 -7.43 -17.17 2.15
N PRO A 96 -7.70 -16.06 2.85
CA PRO A 96 -8.77 -15.17 2.37
C PRO A 96 -8.48 -14.56 1.01
N LEU A 97 -7.23 -14.17 0.73
CA LEU A 97 -6.92 -13.62 -0.59
C LEU A 97 -7.20 -14.65 -1.68
N TRP A 98 -6.76 -15.90 -1.48
CA TRP A 98 -7.04 -16.89 -2.52
C TRP A 98 -8.50 -17.35 -2.44
N GLU A 99 -8.91 -17.91 -1.30
CA GLU A 99 -10.18 -18.61 -1.27
C GLU A 99 -11.38 -17.67 -1.41
N ASN A 100 -11.29 -16.44 -0.90
CA ASN A 100 -12.45 -15.55 -0.86
C ASN A 100 -12.32 -14.31 -1.75
N THR A 101 -11.33 -14.23 -2.64
CA THR A 101 -11.13 -13.05 -3.48
C THR A 101 -10.67 -13.41 -4.89
N LEU A 102 -9.56 -14.17 -5.03
CA LEU A 102 -9.00 -14.38 -6.36
C LEU A 102 -9.46 -15.68 -7.00
N LYS A 103 -9.80 -16.68 -6.19
CA LYS A 103 -10.10 -18.01 -6.70
C LYS A 103 -11.22 -17.98 -7.73
N GLY A 104 -12.25 -17.18 -7.51
CA GLY A 104 -13.41 -17.27 -8.39
C GLY A 104 -13.06 -17.02 -9.85
N GLY A 105 -12.28 -15.97 -10.10
CA GLY A 105 -11.94 -15.59 -11.46
C GLY A 105 -10.71 -16.29 -11.99
N LEU A 106 -9.75 -16.59 -11.13
CA LEU A 106 -8.49 -17.13 -11.63
C LEU A 106 -8.52 -18.65 -11.79
N SER A 107 -9.28 -19.36 -10.98
CA SER A 107 -9.14 -20.81 -10.93
C SER A 107 -9.65 -21.44 -12.21
N GLN A 108 -9.04 -22.56 -12.56
CA GLN A 108 -9.37 -23.23 -13.81
C GLN A 108 -8.76 -24.61 -13.74
N ASP A 109 -9.58 -25.62 -14.06
CA ASP A 109 -9.34 -27.01 -13.68
C ASP A 109 -7.89 -27.44 -13.94
N GLY A 110 -7.44 -27.40 -15.17
CA GLY A 110 -6.14 -28.04 -15.36
C GLY A 110 -4.96 -27.08 -15.22
N VAL A 111 -5.22 -25.88 -14.70
CA VAL A 111 -4.40 -24.73 -15.06
C VAL A 111 -3.96 -23.90 -13.85
N ILE A 112 -4.92 -23.49 -13.00
CA ILE A 112 -4.61 -22.68 -11.82
C ILE A 112 -5.44 -23.24 -10.68
N HIS A 113 -4.77 -23.73 -9.64
CA HIS A 113 -5.43 -24.32 -8.47
C HIS A 113 -5.20 -23.55 -7.19
N SER A 114 -4.12 -22.79 -7.09
CA SER A 114 -3.82 -22.04 -5.88
C SER A 114 -3.07 -20.78 -6.26
N LEU A 115 -2.89 -19.93 -5.25
CA LEU A 115 -2.11 -18.72 -5.40
C LEU A 115 -0.72 -19.03 -5.96
N ASN A 116 -0.14 -20.17 -5.56
CA ASN A 116 1.20 -20.53 -6.03
C ASN A 116 1.27 -20.79 -7.52
N ASP A 117 0.13 -20.96 -8.19
CA ASP A 117 0.18 -21.13 -9.63
C ASP A 117 0.33 -19.82 -10.38
N VAL A 118 0.14 -18.67 -9.72
CA VAL A 118 0.28 -17.40 -10.43
C VAL A 118 1.25 -16.47 -9.70
N PHE A 119 1.60 -16.78 -8.47
CA PHE A 119 2.51 -15.96 -7.71
C PHE A 119 3.58 -16.82 -7.06
N ASP A 120 4.72 -16.19 -6.80
CA ASP A 120 5.77 -16.79 -5.98
C ASP A 120 5.55 -16.23 -4.57
N VAL A 121 4.89 -17.02 -3.71
CA VAL A 121 4.33 -16.51 -2.46
C VAL A 121 5.40 -16.56 -1.37
N ARG A 122 5.68 -15.43 -0.75
CA ARG A 122 6.69 -15.34 0.29
C ARG A 122 6.04 -14.71 1.51
N LEU A 123 5.90 -15.49 2.57
CA LEU A 123 5.14 -15.04 3.74
C LEU A 123 5.99 -14.10 4.58
N LEU A 124 5.37 -13.00 5.02
CA LEU A 124 5.96 -12.09 5.97
C LEU A 124 5.36 -12.32 7.35
N LYS A 125 6.16 -12.14 8.38
CA LYS A 125 5.67 -12.31 9.73
C LYS A 125 5.60 -10.96 10.40
N GLU A 126 4.53 -10.73 11.14
CA GLU A 126 4.38 -9.47 11.86
C GLU A 126 5.60 -9.21 12.72
N SER A 127 6.11 -7.98 12.65
CA SER A 127 7.28 -7.52 13.40
C SER A 127 8.56 -8.31 13.12
N GLU A 128 8.68 -9.00 11.97
CA GLU A 128 9.94 -9.63 11.55
C GLU A 128 10.43 -9.01 10.25
N PRO A 129 11.41 -8.12 10.30
CA PRO A 129 11.86 -7.42 9.08
C PRO A 129 12.36 -8.39 8.02
N ALA A 130 12.13 -8.02 6.76
CA ALA A 130 12.53 -8.80 5.61
C ALA A 130 13.31 -7.92 4.64
N GLN A 131 14.52 -8.35 4.28
CA GLN A 131 15.33 -7.62 3.31
C GLN A 131 14.87 -8.03 1.92
N LEU A 132 14.10 -7.16 1.27
CA LEU A 132 13.54 -7.46 -0.05
C LEU A 132 14.56 -7.31 -1.14
N ALA A 133 15.52 -6.42 -0.93
CA ALA A 133 16.51 -6.01 -1.92
C ALA A 133 17.56 -5.20 -1.19
N PRO A 134 18.74 -5.02 -1.79
CA PRO A 134 19.85 -4.40 -1.06
C PRO A 134 19.51 -3.13 -0.29
N GLU A 135 18.59 -2.29 -0.77
CA GLU A 135 18.27 -1.05 -0.07
C GLU A 135 16.79 -0.95 0.31
N LEU A 136 16.15 -2.10 0.56
CA LEU A 136 14.72 -2.14 0.81
C LEU A 136 14.46 -3.20 1.88
N LYS A 137 14.29 -2.75 3.12
CA LYS A 137 13.89 -3.60 4.23
C LYS A 137 12.47 -3.22 4.60
N VAL A 138 11.62 -4.22 4.81
CA VAL A 138 10.21 -3.98 5.10
C VAL A 138 9.78 -4.81 6.30
N GLU A 139 9.02 -4.18 7.19
CA GLU A 139 8.48 -4.83 8.39
C GLU A 139 6.98 -4.58 8.46
N LEU A 140 6.21 -5.66 8.50
CA LEU A 140 4.77 -5.51 8.71
C LEU A 140 4.51 -5.09 10.15
N ILE A 141 3.58 -4.16 10.33
CA ILE A 141 3.05 -3.80 11.65
C ILE A 141 1.54 -4.01 11.61
N ARG A 142 1.02 -4.84 12.51
CA ARG A 142 -0.42 -5.08 12.54
C ARG A 142 -1.13 -3.83 13.05
N THR A 143 -2.08 -3.28 12.28
CA THR A 143 -2.82 -2.07 12.66
C THR A 143 -4.31 -2.24 12.39
N PRO A 144 -5.16 -1.45 13.05
CA PRO A 144 -6.61 -1.64 12.86
C PRO A 144 -7.17 -0.87 11.68
N HIS A 145 -8.15 -1.49 11.01
CA HIS A 145 -8.89 -0.91 9.89
C HIS A 145 -10.31 -1.48 9.94
N ILE A 146 -10.55 -2.70 9.47
CA ILE A 146 -11.86 -3.33 9.58
C ILE A 146 -11.84 -4.26 10.79
N PRO A 147 -12.77 -4.14 11.74
CA PRO A 147 -12.79 -5.06 12.89
C PRO A 147 -12.91 -6.52 12.46
N GLY A 148 -12.10 -7.38 13.09
CA GLY A 148 -12.08 -8.80 12.76
C GLY A 148 -11.28 -9.18 11.53
N LYS A 149 -10.69 -8.23 10.81
CA LYS A 149 -9.91 -8.53 9.61
C LYS A 149 -8.46 -8.08 9.80
N PRO A 150 -7.48 -8.93 9.52
CA PRO A 150 -6.08 -8.50 9.65
C PRO A 150 -5.75 -7.48 8.57
N SER A 151 -5.14 -6.37 8.97
CA SER A 151 -4.61 -5.40 8.03
C SER A 151 -3.30 -4.90 8.58
N TYR A 152 -2.43 -4.40 7.71
CA TYR A 152 -1.07 -4.10 8.10
C TYR A 152 -0.60 -2.75 7.58
N SER A 153 0.26 -2.12 8.37
CA SER A 153 1.09 -1.00 7.96
C SER A 153 2.51 -1.49 7.73
N LEU A 154 3.37 -0.60 7.23
CA LEU A 154 4.74 -0.99 6.85
C LEU A 154 5.73 -0.05 7.50
N TYR A 155 6.81 -0.60 8.03
CA TYR A 155 7.94 0.21 8.47
C TYR A 155 9.11 -0.12 7.56
N ILE A 156 9.63 0.88 6.86
CA ILE A 156 10.53 0.66 5.73
C ILE A 156 11.89 1.24 6.08
N ASN A 157 12.95 0.45 5.79
CA ASN A 157 14.34 0.86 6.01
C ASN A 157 14.54 1.48 7.40
N ASP A 158 13.84 0.92 8.38
CA ASP A 158 13.90 1.35 9.78
C ASP A 158 13.60 2.83 9.98
N GLU A 159 13.00 3.54 9.03
CA GLU A 159 12.74 4.95 9.27
C GLU A 159 11.57 5.56 8.51
N ILE A 160 10.80 4.79 7.74
CA ILE A 160 9.66 5.29 6.96
C ILE A 160 8.43 4.52 7.40
N PHE A 161 7.41 5.21 7.89
CA PHE A 161 6.14 4.56 8.24
C PHE A 161 5.18 4.77 7.09
N TYR A 162 4.68 3.68 6.52
CA TYR A 162 3.65 3.69 5.47
C TYR A 162 2.38 3.13 6.12
N SER A 163 1.45 4.01 6.44
CA SER A 163 0.27 3.62 7.22
C SER A 163 -0.60 2.60 6.50
N ALA A 164 -0.66 2.64 5.17
CA ALA A 164 -1.70 1.93 4.42
C ALA A 164 -3.04 2.35 5.03
N ASP A 165 -4.05 1.47 5.06
CA ASP A 165 -5.37 1.86 5.58
C ASP A 165 -5.39 1.57 7.08
N MSE A 166 -5.78 2.57 7.89
CA MSE A 166 -5.90 2.34 9.34
C MSE A 166 -6.63 3.48 10.05
O MSE A 166 -6.69 4.61 9.54
CB MSE A 166 -4.54 2.14 9.99
CG MSE A 166 -3.64 3.36 10.05
SE MSE A 166 -1.99 2.96 11.08
CE MSE A 166 -1.87 4.53 12.24
N THR A 167 -7.21 3.16 11.21
CA THR A 167 -7.80 4.16 12.07
C THR A 167 -6.71 4.83 12.89
N PHE A 168 -7.09 5.87 13.64
CA PHE A 168 -6.14 6.79 14.24
C PHE A 168 -5.38 6.10 15.36
N GLU A 169 -4.05 6.19 15.31
CA GLU A 169 -3.15 5.50 16.25
C GLU A 169 -2.01 6.44 16.58
N PRO A 170 -2.30 7.53 17.29
CA PRO A 170 -1.26 8.55 17.47
C PRO A 170 -0.12 8.08 18.37
N GLU A 171 -0.40 7.19 19.31
CA GLU A 171 0.67 6.67 20.16
C GLU A 171 1.64 5.81 19.36
N LEU A 172 1.12 5.07 18.37
CA LEU A 172 1.99 4.32 17.47
C LEU A 172 2.94 5.25 16.75
N LEU A 173 2.41 6.26 16.06
CA LEU A 173 3.25 7.25 15.39
C LEU A 173 4.30 7.82 16.35
N MSE A 174 3.86 8.32 17.49
CA MSE A 174 4.77 8.93 18.44
C MSE A 174 5.85 7.94 18.89
O MSE A 174 7.02 8.29 18.96
CB MSE A 174 4.00 9.47 19.61
CG MSE A 174 2.96 10.48 19.15
SE MSE A 174 2.13 11.43 20.63
CE MSE A 174 3.86 12.19 21.25
N ARG A 175 5.46 6.69 19.13
CA ARG A 175 6.42 5.69 19.58
C ARG A 175 7.44 5.36 18.49
N LEU A 176 6.99 5.27 17.23
CA LEU A 176 7.94 5.06 16.12
C LEU A 176 8.91 6.22 16.00
N VAL A 177 8.43 7.44 16.18
CA VAL A 177 9.33 8.57 16.12
C VAL A 177 10.24 8.59 17.35
N ARG A 178 9.72 8.18 18.51
CA ARG A 178 10.47 8.29 19.76
C ARG A 178 11.46 7.14 19.96
N GLU A 179 11.04 5.91 19.66
CA GLU A 179 11.87 4.74 19.90
C GLU A 179 12.50 4.12 18.66
N ARG A 180 11.96 4.33 17.46
CA ARG A 180 12.46 3.58 16.30
C ARG A 180 13.04 4.45 15.19
N GLY A 181 13.37 5.72 15.45
CA GLY A 181 14.03 6.52 14.44
C GLY A 181 13.18 6.99 13.28
N CYS A 182 11.86 6.97 13.41
CA CYS A 182 11.00 7.32 12.26
C CYS A 182 11.22 8.77 11.82
N ARG A 183 11.49 8.96 10.52
CA ARG A 183 11.72 10.28 9.92
C ARG A 183 10.68 10.70 8.89
N ARG A 184 9.93 9.77 8.32
CA ARG A 184 8.96 10.14 7.30
C ARG A 184 7.74 9.28 7.51
N ILE A 185 6.56 9.88 7.35
CA ILE A 185 5.30 9.21 7.57
C ILE A 185 4.40 9.47 6.35
N PHE A 186 3.91 8.40 5.74
CA PHE A 186 2.92 8.48 4.69
C PHE A 186 1.63 7.98 5.31
N HIS A 187 0.65 8.86 5.50
CA HIS A 187 -0.54 8.54 6.27
C HIS A 187 -1.80 8.75 5.47
N GLU A 188 -2.67 7.76 5.51
CA GLU A 188 -3.99 7.88 4.91
C GLU A 188 -4.80 8.95 5.65
N VAL A 189 -5.76 9.53 4.95
CA VAL A 189 -6.58 10.55 5.60
C VAL A 189 -7.98 10.51 5.01
N GLN A 190 -9.00 10.55 5.89
CA GLN A 190 -10.39 10.68 5.49
C GLN A 190 -10.78 12.14 5.73
N LEU A 191 -10.99 12.88 4.66
CA LEU A 191 -11.17 14.33 4.75
C LEU A 191 -12.52 14.70 5.34
N THR A 192 -13.58 13.95 5.05
CA THR A 192 -14.88 14.30 5.64
C THR A 192 -15.55 13.05 6.20
N GLY A 193 -16.43 13.27 7.17
CA GLY A 193 -17.20 12.22 7.78
C GLY A 193 -16.53 11.61 8.99
N LYS A 194 -17.29 10.82 9.72
CA LYS A 194 -16.76 10.14 10.90
C LYS A 194 -15.70 9.08 10.53
N GLY A 195 -14.59 9.07 11.26
CA GLY A 195 -13.53 8.11 11.01
C GLY A 195 -13.81 6.73 11.59
N GLU A 196 -14.68 5.95 10.94
CA GLU A 196 -15.00 4.64 11.48
C GLU A 196 -13.93 3.62 11.13
N VAL A 197 -13.40 3.67 9.92
CA VAL A 197 -12.42 2.67 9.53
C VAL A 197 -11.19 3.31 8.88
N HIS A 198 -11.12 4.65 8.93
CA HIS A 198 -10.01 5.46 8.43
C HIS A 198 -9.66 6.53 9.45
N THR A 199 -8.53 7.21 9.22
CA THR A 199 -8.10 8.30 10.09
C THR A 199 -8.58 9.63 9.52
N THR A 200 -9.23 10.47 10.34
CA THR A 200 -9.74 11.71 9.77
C THR A 200 -8.66 12.80 9.79
N LEU A 201 -8.90 13.82 8.97
CA LEU A 201 -8.01 14.99 8.99
C LEU A 201 -8.08 15.70 10.33
N GLN A 202 -9.28 15.82 10.90
CA GLN A 202 -9.39 16.39 12.22
C GLN A 202 -8.51 15.63 13.21
N GLU A 203 -8.48 14.30 13.11
CA GLU A 203 -7.63 13.54 14.06
C GLU A 203 -6.15 13.87 13.84
N LEU A 204 -5.71 13.86 12.58
CA LEU A 204 -4.30 14.12 12.32
C LEU A 204 -3.91 15.52 12.76
N LEU A 205 -4.83 16.49 12.67
CA LEU A 205 -4.49 17.85 13.05
C LEU A 205 -4.26 17.99 14.54
N SER A 206 -4.72 17.02 15.32
CA SER A 206 -4.50 17.01 16.76
C SER A 206 -3.14 16.45 17.14
N LEU A 207 -2.37 15.95 16.17
CA LEU A 207 -1.03 15.45 16.42
C LEU A 207 -0.09 16.61 16.74
N PRO A 208 0.98 16.37 17.52
CA PRO A 208 1.94 17.44 17.79
C PRO A 208 2.61 17.92 16.51
N THR A 209 2.98 19.21 16.52
CA THR A 209 3.59 19.88 15.38
C THR A 209 4.75 19.09 14.80
N GLU A 210 5.60 18.52 15.66
CA GLU A 210 6.77 17.80 15.16
C GLU A 210 6.37 16.53 14.41
N ILE A 211 5.30 15.86 14.84
CA ILE A 211 4.86 14.67 14.12
C ILE A 211 4.20 15.05 12.80
N GLN A 212 3.44 16.16 12.78
CA GLN A 212 2.84 16.61 11.53
C GLN A 212 3.88 16.94 10.48
N SER A 213 5.03 17.46 10.90
CA SER A 213 6.03 17.85 9.93
C SER A 213 6.58 16.66 9.13
N GLN A 214 6.42 15.42 9.63
CA GLN A 214 6.89 14.23 8.92
C GLN A 214 5.88 13.69 7.90
N ILE A 215 4.65 14.18 7.88
CA ILE A 215 3.54 13.45 7.28
C ILE A 215 3.20 13.97 5.89
N LEU A 216 3.13 13.06 4.92
CA LEU A 216 2.47 13.34 3.65
C LEU A 216 1.23 12.48 3.57
N LEU A 217 0.15 13.03 3.01
CA LEU A 217 -1.18 12.49 3.15
C LEU A 217 -1.55 11.74 1.88
N LYS A 218 -2.28 10.64 2.04
CA LYS A 218 -2.63 9.76 0.93
C LYS A 218 -4.03 9.21 1.18
N HIS A 219 -4.51 8.43 0.21
CA HIS A 219 -5.79 7.72 0.30
C HIS A 219 -6.96 8.70 0.45
N TYR A 220 -6.88 9.85 -0.24
CA TYR A 220 -7.77 10.96 0.04
C TYR A 220 -8.89 11.06 -0.99
N SER A 221 -9.93 11.80 -0.65
CA SER A 221 -11.07 11.87 -1.57
C SER A 221 -10.93 12.96 -2.64
N ASP A 222 -11.93 13.04 -3.54
CA ASP A 222 -11.90 13.96 -4.67
C ASP A 222 -12.02 15.42 -4.25
N ASP A 223 -12.35 15.69 -2.99
CA ASP A 223 -12.35 17.07 -2.54
C ASP A 223 -11.01 17.51 -1.96
N MSE A 224 -9.93 16.78 -2.25
CA MSE A 224 -8.61 17.13 -1.68
C MSE A 224 -8.23 18.60 -1.91
O MSE A 224 -7.68 19.25 -1.02
CB MSE A 224 -7.55 16.20 -2.27
CG MSE A 224 -6.15 16.45 -1.74
SE MSE A 224 -5.13 17.81 -2.83
CE MSE A 224 -4.53 16.58 -4.26
N GLU A 225 -8.49 19.13 -3.11
CA GLU A 225 -8.03 20.49 -3.40
C GLU A 225 -8.69 21.53 -2.51
N SER A 226 -9.87 21.23 -1.98
CA SER A 226 -10.50 22.14 -1.04
C SER A 226 -9.70 22.27 0.23
N PHE A 227 -8.79 21.33 0.51
CA PHE A 227 -8.10 21.34 1.79
C PHE A 227 -6.65 21.76 1.67
N ARG A 228 -6.18 22.01 0.46
CA ARG A 228 -4.77 22.35 0.28
C ARG A 228 -4.47 23.64 1.05
N GLY A 229 -3.34 23.64 1.74
CA GLY A 229 -3.01 24.73 2.63
C GLY A 229 -3.70 24.69 3.97
N ALA A 230 -4.59 23.74 4.24
CA ALA A 230 -5.27 23.70 5.53
C ALA A 230 -4.87 22.47 6.34
N THR A 231 -3.69 21.91 6.09
CA THR A 231 -3.28 20.67 6.73
C THR A 231 -2.09 20.88 7.66
N GLY A 232 -2.00 22.08 8.26
CA GLY A 232 -0.95 22.38 9.22
C GLY A 232 0.42 22.21 8.57
N ASN A 233 1.31 21.50 9.26
CA ASN A 233 2.61 21.22 8.67
C ASN A 233 2.61 19.99 7.78
N MSE A 234 1.46 19.32 7.59
CA MSE A 234 1.39 18.17 6.68
C MSE A 234 1.08 18.65 5.26
O MSE A 234 0.63 19.78 5.08
CB MSE A 234 0.31 17.18 7.15
CG MSE A 234 0.35 16.97 8.69
SE MSE A 234 -1.08 15.78 9.24
CE MSE A 234 -2.41 17.16 9.64
N ASP A 235 1.31 17.81 4.25
CA ASP A 235 0.91 18.12 2.89
C ASP A 235 0.43 16.85 2.19
N PHE A 236 -0.20 17.04 1.03
CA PHE A 236 -0.75 15.93 0.25
C PHE A 236 0.29 15.35 -0.70
N LEU A 237 0.37 14.01 -0.75
CA LEU A 237 1.16 13.35 -1.78
C LEU A 237 0.55 13.67 -3.14
N ARG A 238 1.42 13.85 -4.15
CA ARG A 238 0.96 14.06 -5.52
C ARG A 238 1.04 12.75 -6.32
N GLN A 239 -0.08 12.34 -6.88
CA GLN A 239 -0.12 11.11 -7.67
C GLN A 239 0.87 11.16 -8.83
N HIS A 240 1.67 10.09 -8.98
CA HIS A 240 2.65 9.89 -10.04
C HIS A 240 3.93 10.70 -9.86
N GLU A 241 4.02 11.60 -8.88
CA GLU A 241 5.31 12.22 -8.62
C GLU A 241 6.29 11.17 -8.09
N VAL A 242 7.56 11.27 -8.48
CA VAL A 242 8.62 10.41 -7.95
C VAL A 242 9.31 11.13 -6.79
N TYR A 243 9.25 10.54 -5.60
CA TYR A 243 9.90 11.09 -4.41
C TYR A 243 11.16 10.29 -4.10
N THR A 244 12.24 10.98 -3.74
CA THR A 244 13.44 10.30 -3.28
C THR A 244 13.37 10.11 -1.77
N LEU A 245 13.38 8.84 -1.35
CA LEU A 245 12.97 8.29 -0.04
C LEU A 245 11.42 8.11 0.00
ZN ZN B . -8.21 1.51 0.86
ZN ZN C . -9.29 -0.93 3.14
#